data_4RNJ
#
_entry.id   4RNJ
#
_cell.length_a   52.071
_cell.length_b   79.895
_cell.length_c   138.517
_cell.angle_alpha   90.000
_cell.angle_beta   90.000
_cell.angle_gamma   90.000
#
_symmetry.space_group_name_H-M   'P 21 21 21'
#
loop_
_entity.id
_entity.type
_entity.pdbx_description
1 polymer 'Motility regulator'
2 water water
#
_entity_poly.entity_id   1
_entity_poly.type   'polypeptide(L)'
_entity_poly.pdbx_seq_one_letter_code
;MGSSHHHHHHSSGLVPRGSHMAEMNARALERLELESDLRRALELGEFVLHYQPQFTGDGRRLTGAEALLRWQHPRRGLVP
PSEFIPVLEEIGLVAQVGDWLLAEACKQLRSWHKAKVRVPKVSVNLSARQFADGQLGERIAAILYETGIPPACLELELTE
SILMSDVAEAMQILSGLKRLGLAIAVDDFGTGYSSLNYLKQFPIDVLKIDRSFVDGLPHGEQDAQIARAIIAMAHSLNLM
VIAEGVESQAQLDFLREHGCDEVQGYLFGRPMPAEQFGMLYASDVL
;
_entity_poly.pdbx_strand_id   A,B
#
# COMPACT_ATOMS: atom_id res chain seq x y z
N ALA A 28 4.82 32.11 -1.19
CA ALA A 28 5.45 33.17 -0.33
C ALA A 28 5.20 32.83 1.14
N LEU A 29 3.99 33.11 1.61
CA LEU A 29 3.51 32.66 2.89
C LEU A 29 3.54 31.15 3.02
N GLU A 30 2.99 30.50 2.00
CA GLU A 30 2.94 29.03 1.98
C GLU A 30 4.36 28.42 2.11
N ARG A 31 5.34 29.12 1.55
CA ARG A 31 6.72 28.72 1.67
C ARG A 31 7.20 28.77 3.13
N LEU A 32 6.85 29.85 3.81
CA LEU A 32 7.23 30.06 5.21
C LEU A 32 6.68 28.97 6.16
N GLU A 33 5.41 28.65 6.01
CA GLU A 33 4.80 27.61 6.83
C GLU A 33 5.57 26.33 6.64
N LEU A 34 5.80 25.99 5.39
CA LEU A 34 6.50 24.75 5.08
C LEU A 34 7.85 24.70 5.78
N GLU A 35 8.66 25.71 5.53
CA GLU A 35 9.97 25.79 6.18
C GLU A 35 9.88 25.69 7.70
N SER A 36 8.97 26.48 8.28
CA SER A 36 8.80 26.53 9.73
C SER A 36 8.38 25.19 10.23
N ASP A 37 7.41 24.60 9.53
CA ASP A 37 6.94 23.25 9.88
C ASP A 37 8.09 22.26 9.84
N LEU A 38 8.83 22.28 8.74
CA LEU A 38 9.95 21.37 8.63
C LEU A 38 10.95 21.49 9.74
N ARG A 39 11.21 22.70 10.22
CA ARG A 39 12.23 22.92 11.28
C ARG A 39 11.89 22.24 12.59
N ARG A 40 10.60 22.19 12.90
CA ARG A 40 10.14 21.58 14.15
C ARG A 40 9.96 20.07 13.99
N ALA A 41 9.74 19.65 12.75
CA ALA A 41 9.29 18.30 12.43
C ALA A 41 10.11 17.21 13.07
N LEU A 42 11.43 17.35 13.03
CA LEU A 42 12.29 16.31 13.56
C LEU A 42 12.16 16.20 15.07
N GLU A 43 12.28 17.37 15.70
CA GLU A 43 12.18 17.52 17.14
C GLU A 43 10.88 16.93 17.61
N LEU A 44 9.83 17.22 16.85
CA LEU A 44 8.49 16.73 17.14
C LEU A 44 8.24 15.30 16.62
N GLY A 45 9.30 14.58 16.24
CA GLY A 45 9.21 13.18 15.77
C GLY A 45 8.22 12.89 14.65
N GLU A 46 7.98 13.91 13.82
CA GLU A 46 7.05 13.79 12.71
C GLU A 46 7.56 12.97 11.51
N PHE A 47 8.88 12.90 11.35
CA PHE A 47 9.48 12.08 10.29
C PHE A 47 9.41 10.62 10.67
N VAL A 48 9.14 9.80 9.67
CA VAL A 48 8.99 8.36 9.88
C VAL A 48 9.54 7.68 8.64
N LEU A 49 10.07 6.48 8.87
CA LEU A 49 10.59 5.64 7.83
C LEU A 49 9.49 4.69 7.26
N HIS A 50 9.32 4.66 5.94
CA HIS A 50 8.65 3.52 5.29
C HIS A 50 9.60 2.62 4.51
N TYR A 51 9.22 1.36 4.36
CA TYR A 51 10.11 0.32 3.85
C TYR A 51 9.47 -0.36 2.66
N GLN A 52 10.21 -0.42 1.57
CA GLN A 52 9.73 -1.02 0.35
C GLN A 52 10.52 -2.24 0.07
N PRO A 53 9.84 -3.36 -0.20
CA PRO A 53 10.58 -4.60 -0.32
C PRO A 53 11.30 -4.75 -1.63
N GLN A 54 12.38 -5.51 -1.62
CA GLN A 54 13.13 -5.80 -2.81
C GLN A 54 13.21 -7.29 -2.98
N PHE A 55 13.15 -7.76 -4.21
CA PHE A 55 13.14 -9.21 -4.45
C PHE A 55 14.19 -9.60 -5.46
N THR A 56 14.57 -10.86 -5.39
CA THR A 56 15.34 -11.49 -6.47
C THR A 56 14.60 -11.30 -7.78
N GLY A 57 15.31 -11.45 -8.87
CA GLY A 57 14.77 -11.27 -10.22
C GLY A 57 13.58 -12.13 -10.61
N ASP A 58 13.43 -13.28 -9.96
CA ASP A 58 12.30 -14.19 -10.21
C ASP A 58 11.05 -13.48 -9.84
N GLY A 59 11.09 -12.94 -8.64
CA GLY A 59 9.93 -12.50 -7.88
C GLY A 59 9.79 -13.37 -6.65
N ARG A 60 10.76 -14.26 -6.46
CA ARG A 60 10.63 -15.38 -5.57
C ARG A 60 11.01 -14.99 -4.15
N ARG A 61 12.17 -14.40 -3.91
CA ARG A 61 12.49 -14.11 -2.51
C ARG A 61 13.02 -12.71 -2.11
N LEU A 62 12.74 -12.35 -0.88
CA LEU A 62 13.13 -11.08 -0.37
C LEU A 62 14.64 -10.93 -0.27
N THR A 63 15.20 -9.86 -0.84
CA THR A 63 16.64 -9.56 -0.72
C THR A 63 16.94 -8.39 0.17
N GLY A 64 15.93 -7.58 0.49
CA GLY A 64 16.16 -6.39 1.31
C GLY A 64 14.96 -5.49 1.37
N ALA A 65 15.09 -4.44 2.17
CA ALA A 65 14.11 -3.37 2.22
C ALA A 65 14.80 -2.03 1.93
N GLU A 66 14.15 -1.14 1.19
CA GLU A 66 14.66 0.19 1.03
C GLU A 66 13.91 1.09 2.02
N ALA A 67 14.66 1.80 2.87
CA ALA A 67 14.09 2.71 3.87
C ALA A 67 13.91 4.08 3.27
N LEU A 68 12.70 4.62 3.33
CA LEU A 68 12.39 5.86 2.66
C LEU A 68 11.79 6.87 3.63
N LEU A 69 12.34 8.07 3.57
CA LEU A 69 11.90 9.16 4.40
C LEU A 69 10.48 9.56 4.11
N ARG A 70 9.69 9.57 5.18
CA ARG A 70 8.34 10.10 5.13
C ARG A 70 8.08 11.14 6.22
N TRP A 71 7.12 12.01 5.95
CA TRP A 71 6.72 13.05 6.89
C TRP A 71 5.25 12.92 7.31
N GLN A 72 5.03 12.51 8.56
CA GLN A 72 3.68 12.42 9.15
C GLN A 72 3.34 13.75 9.86
N HIS A 73 2.76 14.67 9.12
CA HIS A 73 2.40 15.94 9.66
C HIS A 73 0.99 15.92 10.26
N PRO A 74 0.81 16.54 11.46
CA PRO A 74 -0.49 16.47 12.16
C PRO A 74 -1.65 17.12 11.42
N ARG A 75 -1.39 18.08 10.56
CA ARG A 75 -2.48 18.75 9.83
C ARG A 75 -2.44 18.62 8.31
N ARG A 76 -1.27 18.26 7.77
CA ARG A 76 -1.08 18.12 6.34
C ARG A 76 -1.18 16.63 5.99
N GLY A 77 -1.21 15.76 7.00
CA GLY A 77 -1.14 14.31 6.77
C GLY A 77 0.27 13.82 6.44
N LEU A 78 0.36 12.74 5.65
CA LEU A 78 1.63 12.27 5.06
C LEU A 78 2.01 13.18 3.91
N VAL A 79 3.17 13.84 4.03
CA VAL A 79 3.56 14.86 3.06
C VAL A 79 4.41 14.28 1.91
N PRO A 80 4.03 14.60 0.66
CA PRO A 80 4.84 14.10 -0.42
C PRO A 80 6.30 14.49 -0.27
N PRO A 81 7.21 13.52 -0.32
CA PRO A 81 8.63 13.70 -0.43
C PRO A 81 9.02 14.75 -1.48
N SER A 82 8.31 14.74 -2.60
CA SER A 82 8.59 15.66 -3.70
C SER A 82 8.42 17.12 -3.24
N GLU A 83 7.51 17.34 -2.29
CA GLU A 83 7.27 18.66 -1.73
C GLU A 83 8.25 19.10 -0.64
N PHE A 84 8.78 18.17 0.15
CA PHE A 84 9.55 18.58 1.33
C PHE A 84 11.02 18.27 1.28
N ILE A 85 11.39 17.21 0.60
CA ILE A 85 12.79 16.87 0.53
C ILE A 85 13.54 18.06 -0.02
N PRO A 86 13.12 18.60 -1.17
CA PRO A 86 13.84 19.74 -1.74
C PRO A 86 14.06 20.86 -0.73
N VAL A 87 13.00 21.21 -0.02
CA VAL A 87 13.04 22.36 0.87
C VAL A 87 13.99 22.06 2.03
N LEU A 88 14.03 20.79 2.45
CA LEU A 88 15.00 20.36 3.47
C LEU A 88 16.43 20.61 3.07
N GLU A 89 16.74 20.40 1.80
CA GLU A 89 18.10 20.64 1.30
C GLU A 89 18.30 22.06 0.86
N GLU A 90 17.23 22.83 0.76
CA GLU A 90 17.36 24.26 0.54
C GLU A 90 17.71 24.94 1.84
N ILE A 91 17.61 24.25 2.95
CA ILE A 91 18.11 24.81 4.19
C ILE A 91 19.10 23.96 4.97
N GLY A 92 19.66 22.93 4.37
CA GLY A 92 20.78 22.23 5.01
C GLY A 92 20.41 21.33 6.15
N LEU A 93 19.11 21.30 6.47
CA LEU A 93 18.63 20.30 7.39
C LEU A 93 18.71 18.89 6.81
N VAL A 94 18.80 18.78 5.49
CA VAL A 94 18.70 17.48 4.87
C VAL A 94 19.76 16.49 5.33
N ALA A 95 20.94 16.95 5.63
CA ALA A 95 21.98 16.03 6.06
C ALA A 95 21.64 15.46 7.44
N GLN A 96 21.17 16.33 8.30
CA GLN A 96 20.85 15.96 9.66
C GLN A 96 19.75 14.89 9.70
N VAL A 97 18.66 15.14 8.97
CA VAL A 97 17.56 14.18 8.89
C VAL A 97 18.05 12.87 8.27
N GLY A 98 18.90 13.01 7.25
CA GLY A 98 19.50 11.86 6.62
C GLY A 98 20.22 10.98 7.61
N ASP A 99 20.99 11.62 8.47
CA ASP A 99 21.72 10.89 9.51
C ASP A 99 20.79 10.26 10.52
N TRP A 100 19.74 10.99 10.90
CA TRP A 100 18.67 10.38 11.72
C TRP A 100 18.12 9.12 10.99
N LEU A 101 17.89 9.24 9.69
CA LEU A 101 17.27 8.11 8.93
C LEU A 101 18.13 6.88 8.90
N LEU A 102 19.40 7.06 8.59
CA LEU A 102 20.36 5.94 8.55
C LEU A 102 20.36 5.17 9.86
N ALA A 103 20.42 5.95 10.95
CA ALA A 103 20.40 5.39 12.30
C ALA A 103 19.11 4.65 12.54
N GLU A 104 17.99 5.33 12.32
CA GLU A 104 16.66 4.71 12.48
C GLU A 104 16.50 3.34 11.79
N ALA A 105 17.06 3.22 10.58
CA ALA A 105 16.92 2.00 9.74
C ALA A 105 17.78 0.87 10.19
N CYS A 106 19.00 1.20 10.60
CA CYS A 106 19.87 0.23 11.26
C CYS A 106 19.24 -0.34 12.55
N LYS A 107 18.77 0.56 13.40
CA LYS A 107 18.07 0.17 14.62
C LYS A 107 16.90 -0.73 14.27
N GLN A 108 16.06 -0.27 13.33
CA GLN A 108 14.92 -1.08 12.88
C GLN A 108 15.33 -2.46 12.38
N LEU A 109 16.39 -2.54 11.61
CA LEU A 109 16.80 -3.83 11.11
C LEU A 109 17.23 -4.76 12.24
N ARG A 110 17.81 -4.17 13.28
CA ARG A 110 18.17 -4.97 14.45
C ARG A 110 16.91 -5.55 15.13
N SER A 111 15.95 -4.69 15.47
CA SER A 111 14.64 -5.11 16.03
C SER A 111 14.04 -6.20 15.18
N TRP A 112 14.00 -6.00 13.87
CA TRP A 112 13.49 -7.02 12.97
C TRP A 112 14.21 -8.33 13.08
N HIS A 113 15.53 -8.28 13.03
CA HIS A 113 16.35 -9.48 13.06
C HIS A 113 16.16 -10.31 14.34
N LYS A 114 16.13 -9.61 15.47
CA LYS A 114 15.97 -10.30 16.74
C LYS A 114 14.53 -10.72 16.98
N ALA A 115 13.61 -10.18 16.19
CA ALA A 115 12.22 -10.64 16.14
C ALA A 115 12.01 -11.72 15.06
N LYS A 116 13.10 -12.27 14.53
CA LYS A 116 13.03 -13.30 13.51
C LYS A 116 12.36 -12.86 12.19
N VAL A 117 12.24 -11.55 11.99
CA VAL A 117 11.84 -11.00 10.69
C VAL A 117 13.10 -10.93 9.84
N ARG A 118 13.19 -11.77 8.83
CA ARG A 118 14.47 -11.94 8.17
C ARG A 118 14.59 -11.07 6.94
N VAL A 119 14.87 -9.80 7.19
CA VAL A 119 15.18 -8.85 6.17
C VAL A 119 16.71 -8.87 6.05
N PRO A 120 17.27 -9.41 4.94
CA PRO A 120 18.72 -9.49 4.78
C PRO A 120 19.47 -8.13 4.82
N LYS A 121 18.85 -7.05 4.36
CA LYS A 121 19.52 -5.77 4.39
C LYS A 121 18.61 -4.62 4.22
N VAL A 122 19.09 -3.44 4.65
CA VAL A 122 18.37 -2.24 4.51
C VAL A 122 19.22 -1.27 3.66
N SER A 123 18.58 -0.60 2.70
CA SER A 123 19.21 0.39 1.86
C SER A 123 18.72 1.81 2.19
N VAL A 124 19.65 2.76 2.29
CA VAL A 124 19.31 4.12 2.65
C VAL A 124 19.99 5.10 1.68
N ASN A 125 19.29 6.15 1.32
CA ASN A 125 19.87 7.16 0.44
C ASN A 125 20.77 8.13 1.21
N LEU A 126 21.85 8.56 0.58
CA LEU A 126 22.75 9.55 1.16
C LEU A 126 22.67 10.83 0.37
N SER A 127 22.55 11.96 1.05
CA SER A 127 22.57 13.26 0.38
C SER A 127 24.03 13.63 0.10
N ALA A 128 24.23 14.64 -0.74
CA ALA A 128 25.57 15.14 -1.06
C ALA A 128 26.26 15.64 0.20
N ARG A 129 25.51 16.37 1.03
CA ARG A 129 26.07 16.93 2.25
C ARG A 129 26.60 15.83 3.14
N GLN A 130 25.88 14.72 3.26
CA GLN A 130 26.31 13.68 4.17
C GLN A 130 27.54 13.04 3.61
N PHE A 131 27.61 12.89 2.30
CA PHE A 131 28.78 12.25 1.69
C PHE A 131 30.02 13.10 1.92
N ALA A 132 29.86 14.41 1.88
CA ALA A 132 31.01 15.31 2.06
C ALA A 132 31.37 15.50 3.53
N ASP A 133 30.62 14.89 4.44
CA ASP A 133 30.83 15.04 5.86
C ASP A 133 31.94 14.14 6.36
N GLY A 134 33.04 14.74 6.81
CA GLY A 134 34.16 13.99 7.39
C GLY A 134 33.77 13.05 8.50
N GLN A 135 32.72 13.42 9.26
CA GLN A 135 32.26 12.59 10.37
C GLN A 135 31.27 11.48 10.01
N LEU A 136 30.78 11.50 8.78
CA LEU A 136 29.99 10.39 8.29
C LEU A 136 30.99 9.27 8.24
N GLY A 137 30.57 8.08 8.59
CA GLY A 137 31.53 6.98 8.54
C GLY A 137 32.01 6.77 9.94
N GLU A 138 32.28 7.86 10.64
CA GLU A 138 32.45 7.77 12.07
C GLU A 138 31.08 7.47 12.71
N ARG A 139 30.06 8.26 12.36
CA ARG A 139 28.66 8.01 12.83
C ARG A 139 28.20 6.60 12.47
N ILE A 140 28.55 6.15 11.27
CA ILE A 140 28.12 4.82 10.79
C ILE A 140 28.74 3.68 11.59
N ALA A 141 29.98 3.87 12.06
CA ALA A 141 30.69 2.86 12.86
C ALA A 141 30.08 2.80 14.24
N ALA A 142 29.76 3.99 14.73
CA ALA A 142 29.02 4.12 15.99
C ALA A 142 27.64 3.43 15.94
N ILE A 143 26.89 3.67 14.86
CA ILE A 143 25.54 3.10 14.70
C ILE A 143 25.61 1.62 14.56
N LEU A 144 26.54 1.13 13.76
CA LEU A 144 26.82 -0.32 13.67
C LEU A 144 27.17 -0.94 15.04
N TYR A 145 28.06 -0.26 15.79
CA TYR A 145 28.44 -0.70 17.15
C TYR A 145 27.23 -0.70 18.10
N GLU A 146 26.51 0.41 18.16
CA GLU A 146 25.29 0.50 18.94
C GLU A 146 24.36 -0.69 18.66
N THR A 147 23.92 -0.82 17.39
CA THR A 147 22.92 -1.84 16.94
C THR A 147 23.51 -3.27 16.76
N GLY A 148 24.82 -3.36 16.62
CA GLY A 148 25.49 -4.64 16.38
C GLY A 148 25.11 -5.44 15.14
N ILE A 149 24.44 -4.80 14.18
CA ILE A 149 24.06 -5.50 12.93
C ILE A 149 25.31 -5.71 12.08
N PRO A 150 25.36 -6.80 11.29
CA PRO A 150 26.48 -6.99 10.37
C PRO A 150 26.58 -5.86 9.32
N PRO A 151 27.79 -5.40 9.05
CA PRO A 151 28.01 -4.32 8.10
C PRO A 151 27.37 -4.52 6.75
N ALA A 152 27.40 -5.73 6.25
CA ALA A 152 26.87 -6.03 4.93
C ALA A 152 25.33 -5.96 4.84
N CYS A 153 24.69 -5.75 5.98
CA CYS A 153 23.26 -5.55 6.07
C CYS A 153 22.90 -4.11 5.85
N LEU A 154 23.91 -3.26 5.69
CA LEU A 154 23.72 -1.84 5.38
C LEU A 154 24.21 -1.49 3.98
N GLU A 155 23.37 -0.88 3.18
CA GLU A 155 23.70 -0.50 1.81
C GLU A 155 23.38 0.96 1.67
N LEU A 156 24.34 1.72 1.16
CA LEU A 156 24.22 3.15 1.04
C LEU A 156 23.96 3.47 -0.44
N GLU A 157 23.10 4.43 -0.73
CA GLU A 157 22.76 4.66 -2.13
C GLU A 157 23.12 6.07 -2.51
N LEU A 158 23.89 6.22 -3.59
CA LEU A 158 24.35 7.54 -4.03
C LEU A 158 23.97 7.79 -5.46
N THR A 159 23.71 9.03 -5.83
CA THR A 159 23.66 9.36 -7.24
C THR A 159 25.05 9.52 -7.81
N GLU A 160 25.14 9.34 -9.12
CA GLU A 160 26.38 9.54 -9.85
C GLU A 160 26.87 10.95 -9.70
N SER A 161 25.95 11.88 -9.59
CA SER A 161 26.31 13.29 -9.53
C SER A 161 27.13 13.60 -8.29
N ILE A 162 26.77 12.97 -7.16
CA ILE A 162 27.57 13.09 -5.93
C ILE A 162 28.99 12.63 -6.21
N LEU A 163 29.17 11.52 -6.93
CA LEU A 163 30.52 11.00 -7.21
C LEU A 163 31.34 11.96 -8.08
N MET A 164 30.67 12.53 -9.08
CA MET A 164 31.27 13.40 -10.11
C MET A 164 31.72 14.80 -9.63
N SER A 165 31.08 15.36 -8.60
CA SER A 165 31.46 16.68 -8.18
C SER A 165 32.97 16.68 -7.87
N ASP A 166 33.48 15.59 -7.34
CA ASP A 166 34.91 15.46 -7.19
C ASP A 166 35.32 14.00 -7.13
N VAL A 167 35.73 13.48 -8.26
CA VAL A 167 35.95 12.05 -8.38
C VAL A 167 37.03 11.55 -7.44
N ALA A 168 38.16 12.26 -7.36
CA ALA A 168 39.28 11.83 -6.50
C ALA A 168 38.86 11.74 -5.05
N GLU A 169 38.06 12.69 -4.62
CA GLU A 169 37.57 12.71 -3.29
C GLU A 169 36.57 11.57 -3.05
N ALA A 170 35.64 11.39 -3.98
CA ALA A 170 34.75 10.24 -3.99
C ALA A 170 35.54 8.94 -3.77
N MET A 171 36.62 8.75 -4.51
CA MET A 171 37.44 7.55 -4.34
C MET A 171 37.84 7.31 -2.89
N GLN A 172 38.38 8.32 -2.25
CA GLN A 172 38.80 8.19 -0.84
C GLN A 172 37.62 7.96 0.09
N ILE A 173 36.60 8.77 -0.05
CA ILE A 173 35.48 8.64 0.86
C ILE A 173 34.88 7.23 0.72
N LEU A 174 34.73 6.76 -0.53
CA LEU A 174 34.16 5.45 -0.75
C LEU A 174 34.99 4.37 -0.14
N SER A 175 36.30 4.44 -0.32
CA SER A 175 37.19 3.45 0.29
C SER A 175 37.06 3.47 1.83
N GLY A 176 36.95 4.64 2.42
CA GLY A 176 36.65 4.73 3.85
C GLY A 176 35.39 3.98 4.27
N LEU A 177 34.34 4.06 3.45
CA LEU A 177 33.08 3.37 3.71
C LEU A 177 33.16 1.91 3.45
N LYS A 178 33.78 1.53 2.34
CA LYS A 178 33.84 0.10 2.05
C LYS A 178 34.62 -0.69 3.08
N ARG A 179 35.51 0.00 3.77
CA ARG A 179 36.38 -0.60 4.76
C ARG A 179 35.52 -0.99 5.93
N LEU A 180 34.40 -0.30 6.14
CA LEU A 180 33.41 -0.72 7.13
C LEU A 180 32.65 -1.98 6.84
N GLY A 181 32.85 -2.57 5.67
CA GLY A 181 32.18 -3.81 5.24
C GLY A 181 30.76 -3.63 4.68
N LEU A 182 30.32 -2.39 4.53
CA LEU A 182 29.01 -2.09 3.98
C LEU A 182 29.01 -2.15 2.47
N ALA A 183 27.82 -2.02 1.90
CA ALA A 183 27.65 -2.07 0.46
C ALA A 183 27.26 -0.70 -0.08
N ILE A 184 27.58 -0.47 -1.35
CA ILE A 184 27.29 0.82 -1.98
C ILE A 184 26.56 0.63 -3.30
N ALA A 185 25.48 1.39 -3.47
CA ALA A 185 24.73 1.34 -4.72
C ALA A 185 24.80 2.72 -5.33
N VAL A 186 24.83 2.76 -6.66
CA VAL A 186 24.81 4.01 -7.41
C VAL A 186 23.59 4.08 -8.36
N ASP A 187 22.95 5.23 -8.43
CA ASP A 187 21.84 5.46 -9.33
C ASP A 187 22.02 6.74 -10.14
N ASP A 188 21.10 7.01 -11.07
CA ASP A 188 21.09 8.24 -11.86
C ASP A 188 22.40 8.48 -12.54
N PHE A 189 22.86 7.51 -13.29
CA PHE A 189 24.17 7.60 -13.93
C PHE A 189 23.96 7.74 -15.40
N GLY A 190 24.95 8.30 -16.07
CA GLY A 190 24.96 8.39 -17.50
C GLY A 190 24.82 6.99 -18.06
N THR A 191 24.09 6.86 -19.16
CA THR A 191 24.05 5.58 -19.85
C THR A 191 24.94 5.66 -21.06
N GLY A 192 25.01 4.61 -21.82
CA GLY A 192 25.94 4.68 -22.95
C GLY A 192 27.29 4.19 -22.49
N TYR A 193 27.92 3.41 -23.38
CA TYR A 193 28.98 2.50 -23.01
C TYR A 193 29.96 3.16 -22.04
N SER A 194 30.32 4.40 -22.35
CA SER A 194 31.46 4.95 -21.73
C SER A 194 31.25 5.26 -20.25
N SER A 195 30.21 6.02 -19.95
CA SER A 195 29.97 6.44 -18.57
C SER A 195 29.75 5.23 -17.71
N LEU A 196 29.10 4.22 -18.28
CA LEU A 196 28.84 3.01 -17.56
C LEU A 196 30.13 2.33 -17.25
N ASN A 197 31.00 2.31 -18.24
CA ASN A 197 32.25 1.63 -18.05
C ASN A 197 33.10 2.30 -17.00
N TYR A 198 33.07 3.62 -16.94
CA TYR A 198 33.98 4.34 -16.06
C TYR A 198 33.66 4.12 -14.60
N LEU A 199 32.49 3.57 -14.31
CA LEU A 199 32.08 3.29 -12.92
C LEU A 199 32.96 2.21 -12.29
N LYS A 200 33.62 1.42 -13.13
CA LYS A 200 34.55 0.39 -12.67
C LYS A 200 35.57 0.87 -11.65
N GLN A 201 35.93 2.13 -11.65
CA GLN A 201 37.02 2.58 -10.79
C GLN A 201 36.58 2.75 -9.35
N PHE A 202 35.27 2.87 -9.14
CA PHE A 202 34.73 3.08 -7.80
C PHE A 202 34.51 1.72 -7.12
N PRO A 203 34.78 1.66 -5.82
CA PRO A 203 34.58 0.45 -5.06
C PRO A 203 33.10 0.35 -4.63
N ILE A 204 32.28 -0.16 -5.54
CA ILE A 204 30.82 -0.21 -5.36
C ILE A 204 30.30 -1.61 -5.61
N ASP A 205 29.03 -1.85 -5.30
CA ASP A 205 28.47 -3.19 -5.41
C ASP A 205 27.26 -3.26 -6.28
N VAL A 206 26.50 -2.18 -6.36
CA VAL A 206 25.20 -2.23 -7.00
C VAL A 206 24.96 -1.06 -7.92
N LEU A 207 24.37 -1.34 -9.08
CA LEU A 207 23.77 -0.33 -9.97
C LEU A 207 22.26 -0.47 -10.02
N LYS A 208 21.55 0.66 -9.91
CA LYS A 208 20.11 0.70 -10.07
C LYS A 208 19.74 0.93 -11.51
N ILE A 209 18.70 0.27 -11.99
CA ILE A 209 18.10 0.72 -13.24
C ILE A 209 16.94 1.64 -12.93
N ASP A 210 17.05 2.88 -13.34
CA ASP A 210 16.04 3.89 -13.07
C ASP A 210 14.63 3.50 -13.59
N ARG A 211 13.60 3.92 -12.87
CA ARG A 211 12.20 3.58 -13.25
C ARG A 211 11.80 4.16 -14.57
N SER A 212 12.44 5.25 -14.95
CA SER A 212 12.12 5.89 -16.23
C SER A 212 12.56 5.08 -17.45
N PHE A 213 13.43 4.07 -17.23
CA PHE A 213 13.83 3.10 -18.26
C PHE A 213 12.99 1.84 -18.13
N VAL A 214 12.51 1.57 -16.92
CA VAL A 214 11.72 0.39 -16.65
C VAL A 214 10.28 0.56 -17.17
N ASP A 215 9.72 1.75 -17.04
CA ASP A 215 8.38 2.00 -17.55
C ASP A 215 8.28 1.89 -19.06
N GLY A 216 9.40 1.89 -19.78
CA GLY A 216 9.40 1.65 -21.23
C GLY A 216 9.42 0.18 -21.63
N LEU A 217 9.67 -0.72 -20.68
CA LEU A 217 9.85 -2.13 -21.01
C LEU A 217 8.54 -2.81 -21.19
N PRO A 218 8.47 -3.84 -22.05
CA PRO A 218 9.51 -4.34 -22.94
C PRO A 218 9.58 -3.69 -24.34
N HIS A 219 8.55 -2.99 -24.77
CA HIS A 219 8.44 -2.58 -26.19
C HIS A 219 9.06 -1.24 -26.57
N GLY A 220 9.31 -0.36 -25.61
CA GLY A 220 10.04 0.88 -25.90
C GLY A 220 11.50 0.56 -26.25
N GLU A 221 11.91 0.89 -27.47
CA GLU A 221 13.17 0.43 -28.07
C GLU A 221 14.38 0.94 -27.30
N GLN A 222 14.43 2.25 -27.07
CA GLN A 222 15.55 2.86 -26.42
C GLN A 222 15.63 2.47 -24.94
N ASP A 223 14.50 2.54 -24.23
CA ASP A 223 14.44 2.19 -22.80
C ASP A 223 14.92 0.75 -22.62
N ALA A 224 14.54 -0.14 -23.54
CA ALA A 224 14.97 -1.54 -23.46
C ALA A 224 16.45 -1.75 -23.74
N GLN A 225 17.00 -0.96 -24.65
CA GLN A 225 18.43 -1.06 -24.98
C GLN A 225 19.28 -0.61 -23.82
N ILE A 226 18.83 0.47 -23.19
CA ILE A 226 19.51 1.06 -22.04
C ILE A 226 19.48 0.10 -20.85
N ALA A 227 18.31 -0.45 -20.55
CA ALA A 227 18.26 -1.43 -19.51
C ALA A 227 19.24 -2.57 -19.76
N ARG A 228 19.23 -3.13 -20.96
CA ARG A 228 20.09 -4.28 -21.23
C ARG A 228 21.54 -3.84 -21.13
N ALA A 229 21.80 -2.62 -21.59
CA ALA A 229 23.15 -2.03 -21.48
C ALA A 229 23.62 -1.94 -20.03
N ILE A 230 22.74 -1.49 -19.16
CA ILE A 230 23.07 -1.38 -17.76
C ILE A 230 23.31 -2.78 -17.14
N ILE A 231 22.45 -3.73 -17.49
CA ILE A 231 22.61 -5.07 -16.94
C ILE A 231 23.92 -5.69 -17.37
N ALA A 232 24.24 -5.59 -18.65
CA ALA A 232 25.42 -6.29 -19.18
C ALA A 232 26.67 -5.64 -18.64
N MET A 233 26.61 -4.32 -18.50
CA MET A 233 27.76 -3.60 -18.08
C MET A 233 28.03 -3.85 -16.63
N ALA A 234 26.98 -3.74 -15.81
CA ALA A 234 27.08 -4.08 -14.40
C ALA A 234 27.69 -5.45 -14.19
N HIS A 235 27.19 -6.40 -14.97
CA HIS A 235 27.70 -7.76 -14.80
C HIS A 235 29.16 -7.87 -15.25
N SER A 236 29.53 -7.17 -16.31
CA SER A 236 30.93 -7.22 -16.74
C SER A 236 31.82 -6.58 -15.70
N LEU A 237 31.29 -5.68 -14.88
CA LEU A 237 32.04 -5.07 -13.79
C LEU A 237 31.90 -5.82 -12.49
N ASN A 238 31.20 -6.94 -12.52
CA ASN A 238 30.97 -7.71 -11.28
C ASN A 238 30.04 -7.02 -10.26
N LEU A 239 29.13 -6.17 -10.74
CA LEU A 239 28.17 -5.51 -9.86
C LEU A 239 26.84 -6.23 -9.88
N MET A 240 26.12 -6.11 -8.76
CA MET A 240 24.70 -6.49 -8.69
C MET A 240 23.83 -5.44 -9.38
N VAL A 241 22.78 -5.85 -10.10
CA VAL A 241 21.84 -4.92 -10.74
C VAL A 241 20.43 -5.05 -10.14
N ILE A 242 19.83 -3.92 -9.76
CA ILE A 242 18.46 -3.89 -9.27
C ILE A 242 17.63 -2.94 -10.11
N ALA A 243 16.50 -3.42 -10.62
CA ALA A 243 15.51 -2.60 -11.32
C ALA A 243 14.46 -1.99 -10.36
N GLU A 244 14.21 -0.70 -10.49
CA GLU A 244 13.24 -0.02 -9.63
C GLU A 244 12.02 0.39 -10.48
N GLY A 245 10.90 0.62 -9.81
CA GLY A 245 9.69 1.02 -10.50
C GLY A 245 9.11 -0.13 -11.31
N VAL A 246 9.33 -1.36 -10.86
CA VAL A 246 8.73 -2.48 -11.58
C VAL A 246 7.24 -2.65 -11.25
N GLU A 247 6.41 -2.52 -12.28
CA GLU A 247 4.94 -2.47 -12.15
C GLU A 247 4.13 -3.56 -12.83
N SER A 248 4.62 -4.09 -13.94
CA SER A 248 3.88 -5.05 -14.75
C SER A 248 4.62 -6.38 -14.84
N GLN A 249 3.89 -7.43 -15.16
CA GLN A 249 4.53 -8.73 -15.39
C GLN A 249 5.40 -8.66 -16.67
N ALA A 250 4.98 -7.84 -17.61
CA ALA A 250 5.75 -7.63 -18.84
C ALA A 250 7.16 -7.14 -18.51
N GLN A 251 7.25 -6.07 -17.73
CA GLN A 251 8.52 -5.53 -17.24
C GLN A 251 9.29 -6.61 -16.54
N LEU A 252 8.69 -7.29 -15.59
CA LEU A 252 9.42 -8.30 -14.84
C LEU A 252 10.00 -9.37 -15.76
N ASP A 253 9.17 -9.87 -16.67
CA ASP A 253 9.61 -10.87 -17.65
C ASP A 253 10.87 -10.44 -18.35
N PHE A 254 10.78 -9.30 -19.01
CA PHE A 254 11.92 -8.74 -19.72
C PHE A 254 13.14 -8.76 -18.79
N LEU A 255 12.99 -8.18 -17.61
CA LEU A 255 14.09 -8.08 -16.68
C LEU A 255 14.65 -9.44 -16.29
N ARG A 256 13.79 -10.42 -16.02
CA ARG A 256 14.26 -11.78 -15.56
C ARG A 256 15.07 -12.53 -16.64
N GLU A 257 14.54 -12.48 -17.85
CA GLU A 257 15.14 -13.17 -18.98
C GLU A 257 16.47 -12.53 -19.41
N HIS A 258 16.66 -11.24 -19.12
CA HIS A 258 17.98 -10.64 -19.36
C HIS A 258 18.81 -10.68 -18.08
N GLY A 259 18.36 -11.42 -17.09
CA GLY A 259 19.15 -11.70 -15.89
C GLY A 259 19.44 -10.55 -14.94
N CYS A 260 18.57 -9.53 -14.91
CA CYS A 260 18.56 -8.54 -13.81
C CYS A 260 18.57 -9.25 -12.44
N ASP A 261 19.42 -8.85 -11.51
CA ASP A 261 19.55 -9.62 -10.25
C ASP A 261 18.42 -9.41 -9.28
N GLU A 262 17.94 -8.16 -9.16
CA GLU A 262 16.94 -7.83 -8.18
C GLU A 262 15.93 -6.85 -8.72
N VAL A 263 14.82 -6.75 -8.01
CA VAL A 263 13.69 -6.03 -8.52
C VAL A 263 12.88 -5.39 -7.40
N GLN A 264 12.22 -4.29 -7.71
CA GLN A 264 11.51 -3.50 -6.70
C GLN A 264 10.42 -2.67 -7.40
N GLY A 265 9.30 -2.45 -6.72
CA GLY A 265 8.25 -1.55 -7.24
C GLY A 265 6.83 -2.02 -6.98
N TYR A 266 5.87 -1.34 -7.61
CA TYR A 266 4.45 -1.61 -7.37
C TYR A 266 4.11 -3.08 -7.45
N LEU A 267 4.72 -3.80 -8.39
CA LEU A 267 4.41 -5.19 -8.59
C LEU A 267 4.64 -6.02 -7.34
N PHE A 268 5.67 -5.70 -6.56
CA PHE A 268 5.98 -6.45 -5.35
C PHE A 268 5.53 -5.79 -4.06
N GLY A 269 5.29 -4.49 -4.10
CA GLY A 269 4.85 -3.83 -2.86
C GLY A 269 5.31 -2.39 -2.69
N ARG A 270 4.40 -1.56 -2.19
CA ARG A 270 4.67 -0.16 -1.97
C ARG A 270 5.43 0.08 -0.68
N PRO A 271 6.05 1.25 -0.55
CA PRO A 271 6.68 1.55 0.71
C PRO A 271 5.60 1.54 1.77
N MET A 272 5.83 0.82 2.87
CA MET A 272 4.83 0.57 3.89
C MET A 272 5.43 0.74 5.30
N PRO A 273 4.60 1.07 6.31
CA PRO A 273 5.17 1.31 7.65
C PRO A 273 5.86 0.09 8.18
N ALA A 274 6.80 0.33 9.08
CA ALA A 274 7.63 -0.74 9.67
C ALA A 274 6.80 -1.90 10.23
N GLU A 275 5.74 -1.54 10.95
CA GLU A 275 4.90 -2.53 11.57
C GLU A 275 4.29 -3.49 10.54
N GLN A 276 3.79 -2.95 9.41
CA GLN A 276 3.16 -3.76 8.39
C GLN A 276 4.18 -4.53 7.59
N PHE A 277 5.37 -3.96 7.37
CA PHE A 277 6.48 -4.71 6.68
C PHE A 277 6.88 -5.86 7.59
N GLY A 278 6.98 -5.50 8.88
CA GLY A 278 7.26 -6.48 9.95
C GLY A 278 6.29 -7.63 9.94
N MET A 279 5.00 -7.31 10.03
CA MET A 279 3.94 -8.33 9.97
C MET A 279 3.96 -9.13 8.64
N LEU A 280 4.12 -8.40 7.55
CA LEU A 280 3.81 -8.98 6.23
C LEU A 280 4.89 -9.94 5.83
N TYR A 281 6.13 -9.59 6.17
CA TYR A 281 7.30 -10.37 5.77
C TYR A 281 7.84 -11.19 6.95
N ALA A 282 7.31 -10.93 8.14
CA ALA A 282 7.54 -11.81 9.30
C ALA A 282 8.21 -13.13 8.93
N ASN B 25 -35.70 2.04 32.33
CA ASN B 25 -34.88 0.85 31.91
C ASN B 25 -33.50 1.27 31.33
N ALA B 26 -32.41 0.74 31.91
CA ALA B 26 -31.06 1.24 31.63
C ALA B 26 -30.59 1.10 30.15
N ARG B 27 -30.87 -0.05 29.56
CA ARG B 27 -30.50 -0.32 28.16
C ARG B 27 -31.36 0.50 27.17
N ALA B 28 -32.59 0.79 27.60
CA ALA B 28 -33.54 1.56 26.81
C ALA B 28 -33.18 3.03 26.84
N LEU B 29 -32.73 3.48 28.00
CA LEU B 29 -32.29 4.84 28.16
C LEU B 29 -31.15 5.14 27.17
N GLU B 30 -30.15 4.27 27.12
CA GLU B 30 -28.97 4.45 26.27
C GLU B 30 -29.34 4.42 24.82
N ARG B 31 -30.28 3.58 24.50
CA ARG B 31 -30.84 3.50 23.18
C ARG B 31 -31.54 4.82 22.81
N LEU B 32 -32.33 5.35 23.75
CA LEU B 32 -33.06 6.56 23.52
C LEU B 32 -32.08 7.70 23.30
N GLU B 33 -31.10 7.80 24.18
CA GLU B 33 -30.08 8.86 24.02
C GLU B 33 -29.36 8.75 22.66
N LEU B 34 -29.01 7.53 22.29
CA LEU B 34 -28.29 7.31 21.05
C LEU B 34 -29.16 7.72 19.84
N GLU B 35 -30.40 7.27 19.80
CA GLU B 35 -31.26 7.62 18.68
C GLU B 35 -31.57 9.13 18.63
N SER B 36 -31.50 9.82 19.74
CA SER B 36 -31.69 11.25 19.70
C SER B 36 -30.51 11.90 19.00
N ASP B 37 -29.31 11.53 19.39
CA ASP B 37 -28.07 12.04 18.77
C ASP B 37 -27.92 11.70 17.25
N LEU B 38 -28.44 10.56 16.90
CA LEU B 38 -28.26 10.03 15.58
C LEU B 38 -29.26 10.68 14.62
N ARG B 39 -30.39 11.15 15.14
CA ARG B 39 -31.44 11.67 14.27
C ARG B 39 -30.93 12.85 13.45
N ARG B 40 -29.97 13.59 14.00
CA ARG B 40 -29.46 14.81 13.36
C ARG B 40 -28.04 14.68 12.86
N ALA B 41 -27.46 13.52 13.08
CA ALA B 41 -26.10 13.23 12.60
C ALA B 41 -25.82 13.65 11.12
N LEU B 42 -26.71 13.26 10.22
CA LEU B 42 -26.48 13.50 8.79
C LEU B 42 -26.66 14.97 8.43
N GLU B 43 -27.74 15.55 8.94
CA GLU B 43 -27.93 17.00 8.84
C GLU B 43 -26.64 17.71 9.22
N LEU B 44 -26.07 17.36 10.38
CA LEU B 44 -24.93 18.11 10.89
C LEU B 44 -23.60 17.68 10.36
N GLY B 45 -23.59 16.66 9.50
CA GLY B 45 -22.37 16.30 8.77
C GLY B 45 -21.42 15.56 9.66
N GLU B 46 -21.95 14.71 10.52
CA GLU B 46 -21.15 14.01 11.53
C GLU B 46 -20.69 12.63 11.06
N PHE B 47 -21.38 12.07 10.07
CA PHE B 47 -20.96 10.81 9.50
C PHE B 47 -19.80 11.10 8.61
N VAL B 48 -18.81 10.21 8.66
CA VAL B 48 -17.66 10.28 7.76
C VAL B 48 -17.30 8.89 7.27
N LEU B 49 -16.64 8.88 6.12
CA LEU B 49 -16.22 7.62 5.51
C LEU B 49 -14.77 7.32 5.84
N HIS B 50 -14.50 6.12 6.31
CA HIS B 50 -13.17 5.59 6.34
C HIS B 50 -13.04 4.50 5.29
N TYR B 51 -11.81 4.20 4.92
CA TYR B 51 -11.58 3.17 3.93
C TYR B 51 -10.63 2.07 4.39
N GLN B 52 -11.03 0.82 4.10
CA GLN B 52 -10.18 -0.32 4.34
C GLN B 52 -9.67 -0.82 2.98
N PRO B 53 -8.36 -1.04 2.89
CA PRO B 53 -7.78 -1.48 1.63
C PRO B 53 -7.94 -2.95 1.38
N GLN B 54 -7.97 -3.29 0.10
CA GLN B 54 -8.02 -4.64 -0.35
C GLN B 54 -6.83 -4.94 -1.24
N PHE B 55 -6.27 -6.14 -1.10
CA PHE B 55 -5.07 -6.52 -1.84
C PHE B 55 -5.20 -7.83 -2.58
N THR B 56 -4.31 -8.02 -3.52
CA THR B 56 -4.16 -9.30 -4.18
C THR B 56 -3.79 -10.35 -3.16
N GLY B 57 -4.13 -11.60 -3.46
CA GLY B 57 -3.99 -12.71 -2.50
C GLY B 57 -2.58 -12.97 -1.99
N ASP B 58 -1.60 -12.52 -2.75
CA ASP B 58 -0.20 -12.51 -2.27
C ASP B 58 0.07 -11.40 -1.27
N GLY B 59 -0.88 -10.48 -1.11
CA GLY B 59 -0.77 -9.39 -0.12
C GLY B 59 0.01 -8.16 -0.62
N ARG B 60 0.38 -8.09 -1.90
CA ARG B 60 1.30 -7.08 -2.37
C ARG B 60 0.73 -5.85 -3.08
N ARG B 61 -0.37 -6.00 -3.82
CA ARG B 61 -0.90 -4.92 -4.64
C ARG B 61 -2.31 -4.56 -4.27
N LEU B 62 -2.58 -3.26 -4.24
CA LEU B 62 -3.92 -2.77 -3.93
C LEU B 62 -4.96 -3.10 -4.99
N THR B 63 -6.09 -3.65 -4.57
CA THR B 63 -7.13 -3.97 -5.54
C THR B 63 -8.37 -3.08 -5.45
N GLY B 64 -8.61 -2.47 -4.30
CA GLY B 64 -9.72 -1.55 -4.14
C GLY B 64 -9.77 -1.02 -2.72
N ALA B 65 -10.82 -0.23 -2.45
CA ALA B 65 -11.09 0.23 -1.09
C ALA B 65 -12.52 0.00 -0.71
N GLU B 66 -12.74 -0.54 0.48
CA GLU B 66 -14.08 -0.63 0.99
C GLU B 66 -14.46 0.61 1.82
N ALA B 67 -15.51 1.28 1.39
CA ALA B 67 -16.04 2.43 2.12
C ALA B 67 -16.87 1.96 3.30
N LEU B 68 -16.58 2.48 4.48
CA LEU B 68 -17.27 2.12 5.73
C LEU B 68 -17.82 3.37 6.48
N LEU B 69 -19.04 3.27 7.00
CA LEU B 69 -19.65 4.39 7.69
C LEU B 69 -19.03 4.54 9.08
N ARG B 70 -18.60 5.76 9.38
CA ARG B 70 -18.17 6.11 10.72
C ARG B 70 -18.92 7.35 11.18
N TRP B 71 -19.01 7.48 12.51
CA TRP B 71 -19.73 8.59 13.15
C TRP B 71 -18.87 9.37 14.13
N GLN B 72 -18.54 10.59 13.74
CA GLN B 72 -17.77 11.52 14.56
C GLN B 72 -18.77 12.36 15.39
N HIS B 73 -19.11 11.84 16.56
CA HIS B 73 -20.06 12.47 17.47
C HIS B 73 -19.33 13.60 18.20
N PRO B 74 -19.95 14.79 18.30
CA PRO B 74 -19.30 15.96 18.94
C PRO B 74 -18.83 15.74 20.39
N ARG B 75 -19.66 15.12 21.22
CA ARG B 75 -19.29 14.78 22.60
C ARG B 75 -18.65 13.42 22.78
N ARG B 76 -19.25 12.37 22.23
CA ARG B 76 -18.71 11.01 22.30
C ARG B 76 -17.55 10.63 21.37
N GLY B 77 -16.99 11.57 20.61
CA GLY B 77 -15.99 11.21 19.58
C GLY B 77 -16.48 10.18 18.57
N LEU B 78 -15.56 9.40 17.98
CA LEU B 78 -15.92 8.29 17.06
C LEU B 78 -16.66 7.20 17.79
N VAL B 79 -17.86 6.85 17.36
CA VAL B 79 -18.60 5.85 18.11
C VAL B 79 -18.61 4.52 17.38
N PRO B 80 -18.44 3.43 18.12
CA PRO B 80 -18.38 2.09 17.58
C PRO B 80 -19.53 1.88 16.64
N PRO B 81 -19.24 1.40 15.42
CA PRO B 81 -20.26 1.07 14.46
C PRO B 81 -21.15 -0.01 14.96
N SER B 82 -20.59 -0.89 15.79
CA SER B 82 -21.37 -1.97 16.39
C SER B 82 -22.44 -1.39 17.29
N GLU B 83 -22.16 -0.22 17.86
CA GLU B 83 -23.10 0.50 18.68
C GLU B 83 -24.16 1.27 17.86
N PHE B 84 -23.72 2.18 16.99
CA PHE B 84 -24.68 3.04 16.31
C PHE B 84 -25.41 2.43 15.12
N ILE B 85 -24.79 1.50 14.41
CA ILE B 85 -25.41 0.95 13.19
C ILE B 85 -26.70 0.16 13.39
N PRO B 86 -26.79 -0.61 14.48
CA PRO B 86 -28.06 -1.32 14.66
C PRO B 86 -29.20 -0.37 14.94
N VAL B 87 -28.92 0.67 15.72
CA VAL B 87 -29.93 1.67 15.98
C VAL B 87 -30.32 2.37 14.69
N LEU B 88 -29.34 2.71 13.86
CA LEU B 88 -29.67 3.23 12.54
C LEU B 88 -30.75 2.41 11.82
N GLU B 89 -30.70 1.09 11.98
CA GLU B 89 -31.60 0.16 11.31
C GLU B 89 -33.02 0.19 11.90
N GLU B 90 -33.14 0.31 13.22
CA GLU B 90 -34.48 0.35 13.85
C GLU B 90 -35.26 1.62 13.45
N ILE B 91 -34.57 2.76 13.39
CA ILE B 91 -35.22 4.05 13.10
C ILE B 91 -35.30 4.35 11.59
N GLY B 92 -34.97 3.36 10.78
CA GLY B 92 -35.15 3.44 9.32
C GLY B 92 -34.38 4.60 8.74
N LEU B 93 -33.17 4.80 9.21
CA LEU B 93 -32.31 5.78 8.59
C LEU B 93 -31.16 5.17 7.79
N VAL B 94 -31.03 3.86 7.81
CA VAL B 94 -29.83 3.20 7.29
C VAL B 94 -29.77 3.38 5.79
N ALA B 95 -30.94 3.35 5.15
CA ALA B 95 -31.00 3.46 3.71
C ALA B 95 -30.61 4.83 3.24
N GLN B 96 -31.13 5.84 3.92
CA GLN B 96 -30.81 7.21 3.56
C GLN B 96 -29.33 7.53 3.82
N VAL B 97 -28.83 7.19 5.00
CA VAL B 97 -27.41 7.35 5.23
C VAL B 97 -26.55 6.58 4.16
N GLY B 98 -26.93 5.34 3.89
CA GLY B 98 -26.28 4.49 2.90
C GLY B 98 -26.21 5.12 1.48
N ASP B 99 -27.32 5.69 1.01
CA ASP B 99 -27.33 6.44 -0.27
C ASP B 99 -26.38 7.60 -0.28
N TRP B 100 -26.29 8.30 0.83
CA TRP B 100 -25.29 9.38 0.94
C TRP B 100 -23.86 8.81 0.96
N LEU B 101 -23.64 7.73 1.70
CA LEU B 101 -22.32 7.07 1.67
C LEU B 101 -21.95 6.63 0.25
N LEU B 102 -22.90 6.00 -0.44
CA LEU B 102 -22.63 5.49 -1.78
C LEU B 102 -22.14 6.64 -2.71
N ALA B 103 -22.82 7.76 -2.64
CA ALA B 103 -22.47 8.90 -3.47
C ALA B 103 -21.08 9.43 -3.08
N GLU B 104 -20.85 9.62 -1.80
CA GLU B 104 -19.56 10.08 -1.32
C GLU B 104 -18.43 9.17 -1.80
N ALA B 105 -18.62 7.87 -1.61
CA ALA B 105 -17.63 6.88 -2.07
C ALA B 105 -17.23 7.07 -3.53
N CYS B 106 -18.23 7.17 -4.41
CA CYS B 106 -17.95 7.40 -5.80
C CYS B 106 -17.29 8.73 -6.03
N LYS B 107 -17.69 9.74 -5.28
CA LYS B 107 -17.01 11.05 -5.37
C LYS B 107 -15.57 10.97 -4.88
N GLN B 108 -15.31 10.20 -3.85
CA GLN B 108 -13.90 10.06 -3.46
C GLN B 108 -13.05 9.38 -4.58
N LEU B 109 -13.65 8.47 -5.34
CA LEU B 109 -12.88 7.73 -6.29
C LEU B 109 -12.48 8.65 -7.42
N ARG B 110 -13.43 9.51 -7.81
CA ARG B 110 -13.23 10.48 -8.88
C ARG B 110 -12.09 11.39 -8.48
N SER B 111 -12.21 11.90 -7.27
CA SER B 111 -11.27 12.85 -6.76
C SER B 111 -9.89 12.19 -6.76
N TRP B 112 -9.80 11.00 -6.16
CA TRP B 112 -8.59 10.19 -6.21
C TRP B 112 -7.99 10.07 -7.63
N HIS B 113 -8.76 9.52 -8.55
CA HIS B 113 -8.31 9.33 -9.92
C HIS B 113 -7.88 10.62 -10.64
N LYS B 114 -8.54 11.74 -10.37
CA LYS B 114 -8.14 13.03 -10.93
C LYS B 114 -6.80 13.46 -10.40
N ALA B 115 -6.57 13.22 -9.11
CA ALA B 115 -5.28 13.47 -8.46
C ALA B 115 -4.30 12.29 -8.66
N LYS B 116 -4.50 11.51 -9.74
CA LYS B 116 -3.66 10.32 -10.06
C LYS B 116 -3.37 9.41 -8.85
N VAL B 117 -4.29 9.31 -7.90
CA VAL B 117 -4.19 8.32 -6.82
C VAL B 117 -4.90 7.07 -7.34
N ARG B 118 -4.13 6.02 -7.59
CA ARG B 118 -4.66 4.83 -8.25
C ARG B 118 -5.27 3.80 -7.28
N VAL B 119 -6.44 4.16 -6.76
CA VAL B 119 -7.34 3.21 -6.11
C VAL B 119 -8.14 2.64 -7.24
N PRO B 120 -8.03 1.34 -7.49
CA PRO B 120 -8.66 0.78 -8.66
C PRO B 120 -10.19 0.76 -8.58
N LYS B 121 -10.77 0.51 -7.41
CA LYS B 121 -12.21 0.48 -7.27
C LYS B 121 -12.60 0.79 -5.85
N VAL B 122 -13.89 1.08 -5.70
CA VAL B 122 -14.45 1.27 -4.36
C VAL B 122 -15.63 0.29 -4.12
N SER B 123 -15.73 -0.25 -2.92
CA SER B 123 -16.79 -1.19 -2.56
C SER B 123 -17.71 -0.58 -1.50
N VAL B 124 -18.99 -0.85 -1.63
CA VAL B 124 -20.00 -0.27 -0.78
C VAL B 124 -21.08 -1.32 -0.42
N ASN B 125 -21.36 -1.47 0.86
CA ASN B 125 -22.41 -2.33 1.34
C ASN B 125 -23.76 -1.68 1.13
N LEU B 126 -24.74 -2.45 0.62
CA LEU B 126 -26.12 -1.98 0.56
C LEU B 126 -26.98 -2.63 1.64
N SER B 127 -27.81 -1.83 2.29
CA SER B 127 -28.83 -2.35 3.18
C SER B 127 -30.02 -2.96 2.37
N ALA B 128 -30.87 -3.72 3.07
CA ALA B 128 -32.06 -4.32 2.45
C ALA B 128 -33.01 -3.29 1.87
N ARG B 129 -33.27 -2.19 2.60
CA ARG B 129 -34.12 -1.09 2.06
C ARG B 129 -33.56 -0.48 0.80
N GLN B 130 -32.25 -0.21 0.81
CA GLN B 130 -31.61 0.29 -0.40
C GLN B 130 -31.75 -0.67 -1.54
N PHE B 131 -31.58 -1.94 -1.24
CA PHE B 131 -31.64 -2.96 -2.27
C PHE B 131 -33.02 -3.05 -2.92
N ALA B 132 -34.05 -3.07 -2.07
CA ALA B 132 -35.45 -3.08 -2.54
C ALA B 132 -35.93 -1.73 -3.12
N ASP B 133 -35.18 -0.67 -2.93
CA ASP B 133 -35.57 0.64 -3.45
C ASP B 133 -35.67 0.63 -4.98
N GLY B 134 -36.87 0.85 -5.48
CA GLY B 134 -37.09 0.88 -6.93
C GLY B 134 -36.28 1.95 -7.66
N GLN B 135 -35.84 2.99 -6.96
CA GLN B 135 -34.97 4.00 -7.62
C GLN B 135 -33.45 3.75 -7.56
N LEU B 136 -33.02 2.67 -6.89
CA LEU B 136 -31.59 2.37 -6.69
C LEU B 136 -30.79 2.50 -7.98
N GLY B 137 -31.30 1.87 -9.03
CA GLY B 137 -30.63 1.82 -10.33
C GLY B 137 -30.46 3.19 -10.94
N GLU B 138 -31.55 3.94 -10.96
CA GLU B 138 -31.52 5.33 -11.42
C GLU B 138 -30.54 6.16 -10.58
N ARG B 139 -30.62 5.99 -9.27
CA ARG B 139 -29.77 6.72 -8.37
C ARG B 139 -28.33 6.40 -8.62
N ILE B 140 -28.02 5.12 -8.67
CA ILE B 140 -26.69 4.72 -9.05
C ILE B 140 -26.30 5.19 -10.44
N ALA B 141 -27.20 5.11 -11.42
CA ALA B 141 -26.83 5.60 -12.76
C ALA B 141 -26.49 7.08 -12.74
N ALA B 142 -27.23 7.84 -11.97
CA ALA B 142 -26.96 9.26 -11.88
C ALA B 142 -25.62 9.55 -11.20
N ILE B 143 -25.30 8.79 -10.16
CA ILE B 143 -24.08 9.06 -9.47
C ILE B 143 -22.92 8.72 -10.37
N LEU B 144 -23.06 7.63 -11.13
CA LEU B 144 -22.06 7.27 -12.15
C LEU B 144 -21.89 8.34 -13.26
N TYR B 145 -22.98 8.89 -13.76
CA TYR B 145 -22.84 9.98 -14.70
C TYR B 145 -22.14 11.16 -14.04
N GLU B 146 -22.54 11.48 -12.82
CA GLU B 146 -22.13 12.75 -12.26
C GLU B 146 -20.66 12.70 -11.97
N THR B 147 -20.15 11.56 -11.56
CA THR B 147 -18.75 11.47 -11.12
C THR B 147 -17.88 11.05 -12.28
N GLY B 148 -18.50 10.51 -13.31
CA GLY B 148 -17.75 10.03 -14.46
C GLY B 148 -16.76 8.91 -14.20
N ILE B 149 -16.95 8.14 -13.14
CA ILE B 149 -16.09 6.99 -12.95
C ILE B 149 -16.55 5.80 -13.82
N PRO B 150 -15.62 4.88 -14.15
CA PRO B 150 -16.08 3.67 -14.83
C PRO B 150 -16.89 2.81 -13.90
N PRO B 151 -18.00 2.26 -14.40
CA PRO B 151 -18.86 1.52 -13.50
C PRO B 151 -18.21 0.27 -12.92
N ALA B 152 -17.17 -0.27 -13.55
CA ALA B 152 -16.50 -1.42 -12.99
C ALA B 152 -15.75 -1.09 -11.73
N CYS B 153 -15.54 0.21 -11.51
CA CYS B 153 -14.90 0.70 -10.30
C CYS B 153 -15.86 0.86 -9.12
N LEU B 154 -17.11 0.49 -9.31
CA LEU B 154 -18.03 0.48 -8.21
C LEU B 154 -18.45 -0.93 -7.97
N GLU B 155 -18.19 -1.43 -6.76
CA GLU B 155 -18.56 -2.77 -6.37
C GLU B 155 -19.59 -2.71 -5.23
N LEU B 156 -20.78 -3.29 -5.42
CA LEU B 156 -21.82 -3.28 -4.39
C LEU B 156 -21.73 -4.54 -3.60
N GLU B 157 -21.84 -4.46 -2.29
CA GLU B 157 -21.75 -5.61 -1.41
C GLU B 157 -23.11 -5.85 -0.80
N LEU B 158 -23.57 -7.08 -0.90
CA LEU B 158 -24.85 -7.52 -0.32
C LEU B 158 -24.62 -8.82 0.48
N THR B 159 -25.19 -8.90 1.66
CA THR B 159 -25.14 -10.14 2.42
C THR B 159 -26.00 -11.20 1.75
N GLU B 160 -25.70 -12.46 2.02
CA GLU B 160 -26.52 -13.58 1.55
C GLU B 160 -28.03 -13.44 1.93
N SER B 161 -28.31 -13.16 3.18
CA SER B 161 -29.68 -13.04 3.63
C SER B 161 -30.50 -12.02 2.81
N ILE B 162 -29.88 -10.89 2.42
CA ILE B 162 -30.60 -9.90 1.60
C ILE B 162 -30.95 -10.47 0.23
N LEU B 163 -30.01 -11.15 -0.39
CA LEU B 163 -30.30 -11.78 -1.67
C LEU B 163 -31.38 -12.87 -1.61
N MET B 164 -31.21 -13.80 -0.65
CA MET B 164 -32.04 -15.01 -0.55
C MET B 164 -33.43 -14.73 0.06
N SER B 165 -33.57 -13.57 0.69
CA SER B 165 -34.84 -13.16 1.23
C SER B 165 -35.94 -13.35 0.17
N ASP B 166 -35.75 -12.77 -1.00
CA ASP B 166 -36.68 -12.93 -2.08
C ASP B 166 -35.91 -13.12 -3.38
N VAL B 167 -35.83 -14.36 -3.81
CA VAL B 167 -34.96 -14.76 -4.89
C VAL B 167 -35.38 -14.20 -6.25
N ALA B 168 -36.68 -14.18 -6.51
CA ALA B 168 -37.19 -13.65 -7.77
C ALA B 168 -36.96 -12.13 -7.90
N GLU B 169 -37.20 -11.42 -6.80
CA GLU B 169 -37.07 -9.98 -6.85
C GLU B 169 -35.57 -9.59 -7.02
N ALA B 170 -34.71 -10.32 -6.32
CA ALA B 170 -33.26 -10.06 -6.43
C ALA B 170 -32.75 -10.33 -7.85
N MET B 171 -33.24 -11.35 -8.52
CA MET B 171 -32.89 -11.58 -9.93
C MET B 171 -33.19 -10.33 -10.78
N GLN B 172 -34.37 -9.75 -10.57
CA GLN B 172 -34.76 -8.56 -11.32
C GLN B 172 -33.82 -7.40 -11.03
N ILE B 173 -33.73 -7.06 -9.75
CA ILE B 173 -32.89 -5.93 -9.32
C ILE B 173 -31.47 -6.07 -9.86
N LEU B 174 -30.85 -7.25 -9.65
CA LEU B 174 -29.44 -7.43 -9.98
C LEU B 174 -29.21 -7.48 -11.48
N SER B 175 -30.16 -7.97 -12.26
CA SER B 175 -29.96 -7.98 -13.71
C SER B 175 -29.88 -6.55 -14.20
N GLY B 176 -30.72 -5.68 -13.64
CA GLY B 176 -30.64 -4.24 -13.95
C GLY B 176 -29.35 -3.55 -13.54
N LEU B 177 -28.92 -3.78 -12.31
CA LEU B 177 -27.65 -3.22 -11.87
C LEU B 177 -26.48 -3.72 -12.70
N LYS B 178 -26.51 -4.98 -13.11
CA LYS B 178 -25.40 -5.51 -13.90
C LYS B 178 -25.37 -4.85 -15.28
N ARG B 179 -26.51 -4.43 -15.77
CA ARG B 179 -26.54 -3.74 -17.05
C ARG B 179 -25.80 -2.41 -16.99
N LEU B 180 -25.73 -1.80 -15.81
CA LEU B 180 -24.94 -0.60 -15.60
C LEU B 180 -23.44 -0.82 -15.61
N GLY B 181 -23.00 -2.05 -15.54
CA GLY B 181 -21.56 -2.27 -15.65
C GLY B 181 -20.84 -2.46 -14.32
N LEU B 182 -21.57 -2.36 -13.22
CA LEU B 182 -20.98 -2.45 -11.91
C LEU B 182 -20.71 -3.93 -11.47
N ALA B 183 -20.01 -4.11 -10.36
CA ALA B 183 -19.68 -5.46 -9.89
C ALA B 183 -20.50 -5.71 -8.63
N ILE B 184 -20.80 -6.97 -8.37
CA ILE B 184 -21.57 -7.40 -7.21
C ILE B 184 -20.81 -8.46 -6.38
N ALA B 185 -20.75 -8.24 -5.07
CA ALA B 185 -20.10 -9.15 -4.14
C ALA B 185 -21.13 -9.61 -3.15
N VAL B 186 -21.09 -10.89 -2.79
CA VAL B 186 -21.88 -11.41 -1.65
C VAL B 186 -21.04 -11.54 -0.42
N ASP B 187 -21.55 -11.08 0.74
CA ASP B 187 -20.75 -10.78 1.96
C ASP B 187 -20.92 -11.72 3.15
N TYR B 193 -20.09 -23.03 1.35
CA TYR B 193 -20.87 -24.23 1.55
C TYR B 193 -21.98 -24.47 0.50
N SER B 194 -23.05 -25.14 0.90
CA SER B 194 -24.18 -25.49 0.03
C SER B 194 -24.93 -24.28 -0.51
N SER B 195 -24.92 -23.19 0.24
CA SER B 195 -25.47 -21.92 -0.22
C SER B 195 -24.85 -21.43 -1.52
N LEU B 196 -23.60 -21.78 -1.79
CA LEU B 196 -22.93 -21.31 -2.99
C LEU B 196 -23.71 -21.63 -4.25
N ASN B 197 -24.36 -22.78 -4.25
CA ASN B 197 -25.19 -23.14 -5.40
C ASN B 197 -26.41 -22.26 -5.53
N TYR B 198 -26.97 -21.88 -4.40
CA TYR B 198 -28.06 -20.96 -4.45
C TYR B 198 -27.60 -19.62 -5.01
N LEU B 199 -26.36 -19.26 -4.76
CA LEU B 199 -25.90 -17.91 -5.11
C LEU B 199 -25.61 -17.80 -6.61
N LYS B 200 -25.27 -18.90 -7.25
CA LYS B 200 -25.03 -18.88 -8.67
C LYS B 200 -26.20 -18.53 -9.58
N GLN B 201 -27.43 -18.61 -9.10
CA GLN B 201 -28.54 -18.22 -9.98
C GLN B 201 -28.47 -16.72 -10.24
N PHE B 202 -27.73 -16.02 -9.39
CA PHE B 202 -27.59 -14.60 -9.45
C PHE B 202 -26.35 -14.23 -10.21
N PRO B 203 -26.35 -13.05 -10.86
CA PRO B 203 -25.19 -12.53 -11.59
C PRO B 203 -24.14 -11.84 -10.71
N ILE B 204 -23.63 -12.57 -9.73
CA ILE B 204 -22.66 -12.07 -8.82
C ILE B 204 -21.29 -12.38 -9.33
N ASP B 205 -20.33 -11.53 -8.95
CA ASP B 205 -18.92 -11.62 -9.35
C ASP B 205 -17.98 -12.06 -8.23
N VAL B 206 -18.29 -11.70 -6.99
CA VAL B 206 -17.34 -11.87 -5.91
C VAL B 206 -17.96 -12.53 -4.72
N LEU B 207 -17.23 -13.41 -4.07
CA LEU B 207 -17.65 -13.99 -2.81
C LEU B 207 -16.70 -13.50 -1.70
N LYS B 208 -17.23 -12.89 -0.67
CA LYS B 208 -16.40 -12.42 0.40
C LYS B 208 -16.47 -13.47 1.46
N ILE B 209 -15.33 -14.08 1.80
CA ILE B 209 -15.30 -15.11 2.84
C ILE B 209 -15.26 -14.41 4.18
N ASP B 210 -16.26 -14.66 5.00
CA ASP B 210 -16.39 -14.06 6.33
C ASP B 210 -15.20 -14.43 7.23
N ARG B 211 -14.89 -13.55 8.16
CA ARG B 211 -13.72 -13.72 9.04
C ARG B 211 -13.76 -15.00 9.91
N SER B 212 -14.96 -15.44 10.27
CA SER B 212 -15.16 -16.71 11.01
C SER B 212 -14.49 -17.90 10.32
N PHE B 213 -14.41 -17.87 8.99
CA PHE B 213 -13.74 -18.92 8.25
C PHE B 213 -12.24 -18.69 8.10
N VAL B 214 -11.76 -17.53 8.54
CA VAL B 214 -10.32 -17.18 8.44
C VAL B 214 -9.61 -17.26 9.78
N ASP B 215 -10.30 -16.93 10.86
CA ASP B 215 -9.76 -17.02 12.23
C ASP B 215 -9.01 -18.32 12.56
N GLY B 216 -9.62 -19.47 12.32
CA GLY B 216 -8.97 -20.74 12.63
C GLY B 216 -7.75 -21.06 11.78
N LEU B 217 -7.59 -20.38 10.65
CA LEU B 217 -6.48 -20.68 9.74
C LEU B 217 -5.15 -20.18 10.29
N PRO B 218 -4.02 -20.82 9.90
CA PRO B 218 -3.90 -21.97 8.98
C PRO B 218 -3.94 -23.35 9.65
N HIS B 219 -4.19 -23.42 10.94
CA HIS B 219 -4.00 -24.68 11.63
C HIS B 219 -5.26 -25.36 12.11
N GLY B 220 -6.39 -24.68 12.16
CA GLY B 220 -7.65 -25.38 12.45
C GLY B 220 -7.83 -26.45 11.39
N GLU B 221 -7.96 -27.71 11.79
CA GLU B 221 -7.91 -28.82 10.84
C GLU B 221 -9.15 -28.76 9.96
N GLN B 222 -10.29 -28.60 10.62
CA GLN B 222 -11.57 -28.47 9.93
C GLN B 222 -11.67 -27.12 9.21
N ASP B 223 -11.28 -26.05 9.89
CA ASP B 223 -11.32 -24.70 9.31
C ASP B 223 -10.57 -24.63 8.00
N ALA B 224 -9.40 -25.24 7.96
CA ALA B 224 -8.60 -25.22 6.77
C ALA B 224 -9.29 -25.96 5.61
N GLN B 225 -9.90 -27.10 5.91
CA GLN B 225 -10.59 -27.85 4.83
C GLN B 225 -11.80 -27.08 4.33
N ILE B 226 -12.51 -26.43 5.25
CA ILE B 226 -13.68 -25.67 4.88
C ILE B 226 -13.29 -24.50 3.91
N ALA B 227 -12.15 -23.87 4.24
CA ALA B 227 -11.67 -22.71 3.50
C ALA B 227 -11.31 -23.14 2.13
N ARG B 228 -10.56 -24.22 2.03
CA ARG B 228 -10.15 -24.74 0.74
C ARG B 228 -11.35 -25.09 -0.15
N ALA B 229 -12.43 -25.57 0.46
CA ALA B 229 -13.62 -25.98 -0.32
C ALA B 229 -14.38 -24.79 -0.84
N ILE B 230 -14.51 -23.76 -0.01
CA ILE B 230 -15.18 -22.53 -0.41
C ILE B 230 -14.42 -21.91 -1.57
N ILE B 231 -13.10 -21.80 -1.44
CA ILE B 231 -12.29 -21.20 -2.51
C ILE B 231 -12.43 -21.98 -3.82
N ALA B 232 -12.19 -23.29 -3.78
CA ALA B 232 -12.22 -24.09 -5.00
C ALA B 232 -13.61 -24.13 -5.61
N MET B 233 -14.60 -24.30 -4.75
CA MET B 233 -15.99 -24.32 -5.18
C MET B 233 -16.35 -23.00 -5.83
N ALA B 234 -15.94 -21.92 -5.15
CA ALA B 234 -16.21 -20.59 -5.68
C ALA B 234 -15.52 -20.36 -7.03
N HIS B 235 -14.26 -20.76 -7.18
CA HIS B 235 -13.59 -20.66 -8.52
C HIS B 235 -14.24 -21.53 -9.56
N SER B 236 -14.70 -22.72 -9.18
CA SER B 236 -15.47 -23.57 -10.11
C SER B 236 -16.81 -22.97 -10.47
N LEU B 237 -17.38 -22.10 -9.63
CA LEU B 237 -18.58 -21.41 -9.98
C LEU B 237 -18.27 -20.08 -10.72
N ASN B 238 -17.01 -19.86 -11.06
CA ASN B 238 -16.57 -18.66 -11.79
C ASN B 238 -16.71 -17.41 -10.95
N LEU B 239 -16.34 -17.50 -9.68
CA LEU B 239 -16.42 -16.40 -8.78
C LEU B 239 -15.03 -16.06 -8.31
N MET B 240 -14.71 -14.77 -8.21
CA MET B 240 -13.48 -14.33 -7.52
C MET B 240 -13.69 -14.27 -6.01
N VAL B 241 -12.66 -14.58 -5.23
CA VAL B 241 -12.83 -14.75 -3.81
C VAL B 241 -11.99 -13.77 -3.07
N ILE B 242 -12.58 -13.16 -2.04
CA ILE B 242 -11.82 -12.26 -1.15
C ILE B 242 -12.00 -12.65 0.31
N ALA B 243 -10.90 -12.86 1.02
CA ALA B 243 -10.97 -13.25 2.41
C ALA B 243 -10.87 -12.05 3.32
N GLU B 244 -11.77 -11.98 4.29
CA GLU B 244 -11.79 -10.88 5.23
C GLU B 244 -11.20 -11.33 6.53
N GLY B 245 -10.75 -10.37 7.32
CA GLY B 245 -10.27 -10.64 8.69
C GLY B 245 -8.90 -11.27 8.67
N VAL B 246 -8.15 -11.00 7.61
CA VAL B 246 -6.79 -11.51 7.48
C VAL B 246 -5.91 -10.71 8.41
N GLU B 247 -5.34 -11.38 9.40
CA GLU B 247 -4.62 -10.71 10.49
C GLU B 247 -3.19 -11.17 10.68
N SER B 248 -2.79 -12.28 10.06
CA SER B 248 -1.41 -12.82 10.21
C SER B 248 -0.82 -13.24 8.87
N GLN B 249 0.50 -13.24 8.81
CA GLN B 249 1.21 -13.77 7.65
C GLN B 249 0.79 -15.21 7.34
N ALA B 250 0.55 -15.98 8.39
CA ALA B 250 0.24 -17.38 8.28
C ALA B 250 -1.08 -17.55 7.53
N GLN B 251 -2.09 -16.82 7.98
CA GLN B 251 -3.37 -16.83 7.31
C GLN B 251 -3.15 -16.43 5.84
N LEU B 252 -2.29 -15.45 5.61
CA LEU B 252 -2.12 -14.94 4.27
C LEU B 252 -1.42 -15.95 3.35
N ASP B 253 -0.39 -16.62 3.88
CA ASP B 253 0.33 -17.59 3.03
C ASP B 253 -0.57 -18.81 2.71
N PHE B 254 -1.42 -19.19 3.66
CA PHE B 254 -2.39 -20.26 3.45
C PHE B 254 -3.33 -19.86 2.34
N LEU B 255 -4.00 -18.73 2.53
CA LEU B 255 -4.94 -18.22 1.52
C LEU B 255 -4.25 -18.09 0.19
N ARG B 256 -3.04 -17.58 0.21
CA ARG B 256 -2.27 -17.41 -1.02
C ARG B 256 -1.93 -18.73 -1.71
N GLU B 257 -1.50 -19.72 -0.94
CA GLU B 257 -1.13 -21.02 -1.52
C GLU B 257 -2.33 -21.68 -2.19
N HIS B 258 -3.52 -21.45 -1.64
CA HIS B 258 -4.74 -22.02 -2.19
C HIS B 258 -5.48 -21.11 -3.15
N GLY B 259 -4.81 -20.05 -3.59
CA GLY B 259 -5.28 -19.22 -4.71
C GLY B 259 -6.39 -18.21 -4.36
N CYS B 260 -6.60 -17.96 -3.08
CA CYS B 260 -7.52 -16.90 -2.71
C CYS B 260 -7.15 -15.62 -3.50
N ASP B 261 -8.08 -15.03 -4.23
CA ASP B 261 -7.72 -13.95 -5.14
C ASP B 261 -7.39 -12.60 -4.49
N GLU B 262 -8.05 -12.31 -3.37
CA GLU B 262 -7.87 -11.05 -2.71
C GLU B 262 -8.04 -11.22 -1.24
N VAL B 263 -7.45 -10.30 -0.47
CA VAL B 263 -7.57 -10.32 0.99
C VAL B 263 -7.80 -8.95 1.56
N GLN B 264 -8.33 -8.89 2.75
CA GLN B 264 -8.40 -7.65 3.47
C GLN B 264 -8.36 -7.99 4.96
N GLY B 265 -7.91 -7.03 5.77
CA GLY B 265 -7.88 -7.21 7.22
C GLY B 265 -6.84 -6.35 7.94
N TYR B 266 -6.86 -6.43 9.27
CA TYR B 266 -5.96 -5.65 10.11
C TYR B 266 -4.50 -5.88 9.82
N LEU B 267 -4.19 -7.06 9.33
CA LEU B 267 -2.83 -7.34 8.86
C LEU B 267 -2.23 -6.21 8.02
N PHE B 268 -3.08 -5.53 7.23
CA PHE B 268 -2.68 -4.44 6.36
C PHE B 268 -2.82 -3.03 6.95
N GLY B 269 -3.32 -2.96 8.17
CA GLY B 269 -3.58 -1.67 8.80
C GLY B 269 -5.05 -1.53 9.16
N ARG B 270 -5.44 -0.34 9.49
CA ARG B 270 -6.80 -0.13 9.96
C ARG B 270 -7.47 0.85 9.02
N PRO B 271 -8.82 0.85 9.00
CA PRO B 271 -9.57 1.75 8.13
C PRO B 271 -9.21 3.18 8.41
N MET B 272 -9.22 4.06 7.41
CA MET B 272 -8.76 5.40 7.61
C MET B 272 -9.37 6.37 6.61
N PRO B 273 -9.30 7.69 6.91
CA PRO B 273 -9.87 8.70 6.04
C PRO B 273 -9.23 8.76 4.67
N ALA B 274 -10.02 9.18 3.69
CA ALA B 274 -9.59 9.19 2.32
C ALA B 274 -8.17 9.68 2.08
N GLU B 275 -7.82 10.76 2.76
CA GLU B 275 -6.58 11.46 2.43
C GLU B 275 -5.40 10.58 2.76
N GLN B 276 -5.36 10.15 4.03
CA GLN B 276 -4.33 9.23 4.47
C GLN B 276 -4.33 7.95 3.65
N PHE B 277 -5.53 7.44 3.34
CA PHE B 277 -5.64 6.21 2.60
C PHE B 277 -4.90 6.31 1.28
N GLY B 278 -5.12 7.38 0.54
CA GLY B 278 -4.51 7.51 -0.77
C GLY B 278 -2.99 7.67 -0.74
N MET B 279 -2.49 8.44 0.22
CA MET B 279 -1.05 8.70 0.35
C MET B 279 -0.30 7.41 0.67
N LEU B 280 -0.85 6.69 1.64
CA LEU B 280 -0.24 5.51 2.19
C LEU B 280 -0.33 4.28 1.29
N TYR B 281 -1.43 4.11 0.52
CA TYR B 281 -1.67 2.82 -0.24
C TYR B 281 -1.67 2.94 -1.73
N ALA B 282 -1.80 4.14 -2.24
CA ALA B 282 -1.85 4.33 -3.68
C ALA B 282 -0.95 5.52 -3.97
N SER B 283 -1.08 6.11 -5.15
CA SER B 283 -0.27 7.33 -5.53
C SER B 283 1.24 7.06 -5.78
#